data_8C2D
#
_entry.id   8C2D
#
_cell.length_a   81.959
_cell.length_b   111.538
_cell.length_c   62.659
_cell.angle_alpha   90.000
_cell.angle_beta   90.000
_cell.angle_gamma   90.000
#
_symmetry.space_group_name_H-M   'C 2 2 21'
#
loop_
_entity.id
_entity.type
_entity.pdbx_description
1 polymer '14-3-3 protein sigma'
2 polymer 'Pyrin pS208 peptide'
3 non-polymer 'MAGNESIUM ION'
4 water water
#
loop_
_entity_poly.entity_id
_entity_poly.type
_entity_poly.pdbx_seq_one_letter_code
_entity_poly.pdbx_strand_id
1 'polypeptide(L)'
;GAMGSMERASLIQKAKLAEQAERYEDMAAFMKGAVEKGEELS(CSO)EERNLLSVAYKNVVGGQRAAWRVLSSIEQKSNE
EGSEEKGPEVREYREKVETELQGVCDTVLGLLDSHLIKEAGDAESRVFYLKMKGDYYRYLAEVATGDDKKRIIDSARSAY
QEAMDISKKEMPPTNPIRLGLALNFSVFHYEIANSPEEAISLAKTTFDEAMADLHTLSEDSYKDSTLIMQLLRDNLTLWT
;
AAA
2 'polypeptide(L)' RLRRNA(SEP)SAGRLQGLAGGA PPP
#
# COMPACT_ATOMS: atom_id res chain seq x y z
N GLY A 1 -23.82 -3.99 2.95
CA GLY A 1 -23.66 -4.76 1.68
C GLY A 1 -24.47 -4.14 0.55
N ALA A 2 -23.99 -3.02 0.00
CA ALA A 2 -24.57 -2.32 -1.17
C ALA A 2 -24.52 -3.24 -2.40
N MET A 3 -23.53 -4.13 -2.45
CA MET A 3 -23.24 -5.06 -3.58
C MET A 3 -23.73 -6.46 -3.23
N GLY A 4 -24.48 -6.58 -2.12
CA GLY A 4 -25.00 -7.86 -1.61
C GLY A 4 -25.84 -8.61 -2.64
N SER A 5 -26.53 -7.91 -3.54
CA SER A 5 -27.44 -8.57 -4.50
C SER A 5 -26.73 -8.89 -5.82
N MET A 6 -25.49 -8.44 -6.05
CA MET A 6 -24.77 -8.73 -7.31
C MET A 6 -23.93 -10.01 -7.18
N GLU A 7 -23.88 -10.84 -8.22
CA GLU A 7 -23.00 -12.05 -8.28
C GLU A 7 -21.53 -11.67 -8.08
N ARG A 8 -20.80 -12.51 -7.35
CA ARG A 8 -19.34 -12.33 -7.17
C ARG A 8 -18.71 -12.15 -8.56
N ALA A 9 -19.05 -13.01 -9.53
CA ALA A 9 -18.37 -12.99 -10.85
C ALA A 9 -18.69 -11.66 -11.55
N SER A 10 -19.90 -11.13 -11.38
CA SER A 10 -20.33 -9.84 -11.96
C SER A 10 -19.54 -8.69 -11.31
N LEU A 11 -19.32 -8.74 -10.01
CA LEU A 11 -18.54 -7.69 -9.28
C LEU A 11 -17.10 -7.69 -9.80
N ILE A 12 -16.51 -8.86 -10.01
CA ILE A 12 -15.12 -8.96 -10.50
C ILE A 12 -15.09 -8.42 -11.94
N GLN A 13 -16.00 -8.88 -12.79
CA GLN A 13 -16.09 -8.37 -14.20
C GLN A 13 -16.19 -6.83 -14.21
N LYS A 14 -17.07 -6.27 -13.38
CA LYS A 14 -17.29 -4.80 -13.34
C LYS A 14 -16.07 -4.09 -12.72
N ALA A 15 -15.34 -4.72 -11.79
CA ALA A 15 -14.10 -4.13 -11.26
C ALA A 15 -13.10 -3.93 -12.42
N LYS A 16 -12.99 -4.91 -13.32
CA LYS A 16 -12.07 -4.83 -14.50
C LYS A 16 -12.56 -3.72 -15.44
N LEU A 17 -13.84 -3.60 -15.69
CA LEU A 17 -14.42 -2.53 -16.55
C LEU A 17 -14.12 -1.15 -15.92
N ALA A 18 -14.31 -1.02 -14.62
CA ALA A 18 -14.02 0.24 -13.87
C ALA A 18 -12.54 0.58 -14.01
N GLU A 19 -11.63 -0.38 -13.86
CA GLU A 19 -10.18 -0.12 -14.05
C GLU A 19 -9.94 0.48 -15.46
N GLN A 20 -10.50 -0.14 -16.51
CA GLN A 20 -10.33 0.34 -17.91
C GLN A 20 -10.88 1.76 -18.04
N ALA A 21 -11.95 2.11 -17.33
CA ALA A 21 -12.64 3.40 -17.38
C ALA A 21 -12.01 4.41 -16.42
N GLU A 22 -10.99 3.97 -15.67
CA GLU A 22 -10.35 4.75 -14.56
C GLU A 22 -11.43 5.27 -13.60
N ARG A 23 -12.37 4.42 -13.24
CA ARG A 23 -13.42 4.72 -12.24
C ARG A 23 -13.08 3.97 -10.97
N TYR A 24 -12.08 4.46 -10.24
CA TYR A 24 -11.42 3.70 -9.15
C TYR A 24 -12.34 3.61 -7.92
N GLU A 25 -13.18 4.62 -7.67
CA GLU A 25 -14.18 4.53 -6.57
C GLU A 25 -15.15 3.36 -6.83
N ASP A 26 -15.71 3.31 -8.03
CA ASP A 26 -16.58 2.19 -8.44
C ASP A 26 -15.79 0.86 -8.30
N MET A 27 -14.56 0.82 -8.80
CA MET A 27 -13.71 -0.38 -8.77
C MET A 27 -13.54 -0.88 -7.31
N ALA A 28 -13.28 0.03 -6.38
CA ALA A 28 -13.16 -0.26 -4.93
C ALA A 28 -14.50 -0.76 -4.38
N ALA A 29 -15.64 -0.12 -4.69
CA ALA A 29 -16.96 -0.57 -4.21
C ALA A 29 -17.22 -1.99 -4.72
N PHE A 30 -16.92 -2.27 -5.99
CA PHE A 30 -17.12 -3.60 -6.62
C PHE A 30 -16.25 -4.65 -5.90
N MET A 31 -14.97 -4.33 -5.65
CA MET A 31 -14.04 -5.29 -4.99
C MET A 31 -14.34 -5.44 -3.48
N LYS A 32 -14.81 -4.39 -2.78
CA LYS A 32 -15.35 -4.55 -1.41
C LYS A 32 -16.50 -5.57 -1.46
N GLY A 33 -17.41 -5.40 -2.42
CA GLY A 33 -18.54 -6.34 -2.63
C GLY A 33 -18.07 -7.78 -2.77
N ALA A 34 -17.11 -8.00 -3.66
CA ALA A 34 -16.53 -9.32 -3.95
C ALA A 34 -15.96 -9.90 -2.65
N VAL A 35 -15.18 -9.12 -1.91
CA VAL A 35 -14.54 -9.62 -0.65
C VAL A 35 -15.64 -10.06 0.31
N GLU A 36 -16.69 -9.26 0.43
CA GLU A 36 -17.78 -9.50 1.41
C GLU A 36 -18.60 -10.75 1.03
N LYS A 37 -18.42 -11.33 -0.17
CA LYS A 37 -19.03 -12.64 -0.48
C LYS A 37 -18.45 -13.75 0.41
N GLY A 38 -17.28 -13.53 1.02
CA GLY A 38 -16.70 -14.42 2.03
C GLY A 38 -15.79 -15.47 1.44
N GLU A 39 -15.66 -15.55 0.11
CA GLU A 39 -14.66 -16.48 -0.51
C GLU A 39 -13.28 -15.77 -0.49
N GLU A 40 -12.21 -16.55 -0.42
CA GLU A 40 -10.82 -16.07 -0.67
C GLU A 40 -10.70 -15.48 -2.09
N LEU A 41 -9.71 -14.60 -2.28
CA LEU A 41 -9.42 -13.96 -3.56
C LEU A 41 -8.28 -14.70 -4.24
N SER A 42 -8.40 -14.90 -5.55
CA SER A 42 -7.28 -15.31 -6.41
C SER A 42 -6.21 -14.20 -6.49
N GLU A 44 -5.12 -12.57 -9.16
CA GLU A 44 -5.61 -11.46 -10.01
C GLU A 44 -6.62 -10.62 -9.19
N GLU A 45 -7.50 -11.25 -8.41
CA GLU A 45 -8.56 -10.55 -7.59
C GLU A 45 -7.92 -9.70 -6.49
N ARG A 46 -6.88 -10.21 -5.82
CA ARG A 46 -6.09 -9.45 -4.83
C ARG A 46 -5.50 -8.23 -5.52
N ASN A 47 -4.99 -8.39 -6.73
CA ASN A 47 -4.43 -7.24 -7.47
C ASN A 47 -5.55 -6.23 -7.75
N LEU A 48 -6.75 -6.67 -8.11
CA LEU A 48 -7.87 -5.73 -8.41
C LEU A 48 -8.21 -4.91 -7.14
N LEU A 49 -8.23 -5.56 -6.00
CA LEU A 49 -8.56 -4.92 -4.71
C LEU A 49 -7.49 -3.87 -4.41
N SER A 50 -6.20 -4.25 -4.56
CA SER A 50 -5.03 -3.40 -4.26
C SER A 50 -5.01 -2.20 -5.20
N VAL A 51 -5.20 -2.41 -6.50
CA VAL A 51 -5.22 -1.31 -7.50
C VAL A 51 -6.35 -0.34 -7.15
N ALA A 52 -7.53 -0.85 -6.81
CA ALA A 52 -8.73 0.00 -6.66
C ALA A 52 -8.50 0.96 -5.48
N TYR A 53 -8.14 0.42 -4.32
CA TYR A 53 -7.94 1.27 -3.11
C TYR A 53 -6.68 2.14 -3.22
N LYS A 54 -5.63 1.63 -3.86
CA LYS A 54 -4.40 2.40 -4.06
C LYS A 54 -4.74 3.73 -4.75
N ASN A 55 -5.58 3.65 -5.77
CA ASN A 55 -5.89 4.80 -6.64
C ASN A 55 -6.84 5.73 -5.88
N VAL A 56 -7.78 5.19 -5.13
CA VAL A 56 -8.73 6.04 -4.36
C VAL A 56 -7.91 6.79 -3.30
N VAL A 57 -7.12 6.10 -2.48
CA VAL A 57 -6.38 6.79 -1.42
C VAL A 57 -5.28 7.62 -2.05
N GLY A 58 -4.76 7.22 -3.21
CA GLY A 58 -3.74 8.01 -3.93
C GLY A 58 -4.21 9.42 -4.19
N GLY A 59 -5.43 9.56 -4.73
CA GLY A 59 -6.03 10.90 -4.97
C GLY A 59 -6.31 11.63 -3.66
N GLN A 60 -6.76 10.96 -2.61
CA GLN A 60 -6.98 11.63 -1.30
C GLN A 60 -5.64 12.13 -0.74
N ARG A 61 -4.58 11.31 -0.78
CA ARG A 61 -3.24 11.69 -0.25
C ARG A 61 -2.69 12.90 -1.02
N ALA A 62 -2.80 12.91 -2.35
CA ALA A 62 -2.31 14.03 -3.17
C ALA A 62 -3.10 15.30 -2.80
N ALA A 63 -4.42 15.20 -2.62
CA ALA A 63 -5.27 16.35 -2.24
C ALA A 63 -4.86 16.87 -0.86
N TRP A 64 -4.73 15.96 0.10
CA TRP A 64 -4.30 16.26 1.50
C TRP A 64 -2.96 17.02 1.51
N ARG A 65 -1.99 16.60 0.70
CA ARG A 65 -0.66 17.24 0.68
C ARG A 65 -0.78 18.66 0.11
N VAL A 66 -1.53 18.86 -0.97
CA VAL A 66 -1.81 20.22 -1.50
C VAL A 66 -2.41 21.08 -0.39
N LEU A 67 -3.47 20.62 0.30
CA LEU A 67 -4.18 21.42 1.32
C LEU A 67 -3.28 21.67 2.53
N SER A 68 -2.59 20.63 3.00
CA SER A 68 -1.74 20.71 4.23
C SER A 68 -0.61 21.72 3.98
N SER A 69 -0.12 21.77 2.75
CA SER A 69 0.94 22.73 2.33
C SER A 69 0.38 24.16 2.35
N ILE A 70 -0.85 24.38 1.84
CA ILE A 70 -1.49 25.73 1.88
C ILE A 70 -1.70 26.11 3.34
N GLU A 71 -2.16 25.18 4.17
CA GLU A 71 -2.43 25.42 5.61
C GLU A 71 -1.14 25.84 6.34
N GLN A 72 -0.01 25.19 6.06
CA GLN A 72 1.31 25.46 6.72
C GLN A 72 1.77 26.87 6.34
N LYS A 73 1.61 27.27 5.09
CA LYS A 73 1.95 28.64 4.60
C LYS A 73 1.10 29.71 5.32
N SER A 74 -0.17 29.41 5.65
N SER A 74 -0.16 29.41 5.64
CA SER A 74 -1.09 30.33 6.37
CA SER A 74 -1.10 30.31 6.36
C SER A 74 -0.68 30.49 7.83
C SER A 74 -0.76 30.42 7.85
N ASN A 75 0.23 29.65 8.33
CA ASN A 75 0.68 29.63 9.76
C ASN A 75 2.16 30.06 9.88
N GLU A 76 2.71 30.76 8.88
CA GLU A 76 4.10 31.31 8.89
C GLU A 76 4.11 32.74 9.48
N GLU A 77 5.32 33.30 9.70
CA GLU A 77 5.59 34.65 10.25
C GLU A 77 4.80 35.71 9.46
N LYS A 82 -6.13 34.95 8.36
CA LYS A 82 -7.09 34.17 7.52
C LYS A 82 -8.06 33.39 8.42
N GLY A 83 -9.04 32.71 7.82
CA GLY A 83 -10.16 32.03 8.52
C GLY A 83 -9.94 30.54 8.71
N PRO A 84 -10.97 29.78 9.14
CA PRO A 84 -10.83 28.36 9.40
C PRO A 84 -10.98 27.46 8.15
N GLU A 85 -11.15 28.02 6.95
CA GLU A 85 -11.60 27.28 5.76
C GLU A 85 -10.56 26.25 5.31
N VAL A 86 -9.30 26.64 5.19
CA VAL A 86 -8.20 25.73 4.77
C VAL A 86 -8.11 24.58 5.78
N ARG A 87 -8.11 24.85 7.09
CA ARG A 87 -8.03 23.80 8.14
C ARG A 87 -9.26 22.89 8.01
N GLU A 88 -10.45 23.48 7.92
CA GLU A 88 -11.74 22.74 7.83
C GLU A 88 -11.71 21.82 6.61
N TYR A 89 -11.24 22.30 5.46
CA TYR A 89 -11.28 21.52 4.21
C TYR A 89 -10.19 20.43 4.27
N ARG A 90 -9.02 20.74 4.85
CA ARG A 90 -7.96 19.71 5.03
C ARG A 90 -8.51 18.57 5.91
N GLU A 91 -9.15 18.91 7.02
CA GLU A 91 -9.82 17.95 7.96
C GLU A 91 -10.87 17.11 7.25
N LYS A 92 -11.66 17.69 6.33
CA LYS A 92 -12.72 16.98 5.58
C LYS A 92 -12.02 15.91 4.74
N VAL A 93 -11.03 16.32 3.95
CA VAL A 93 -10.26 15.39 3.08
C VAL A 93 -9.60 14.34 3.98
N GLU A 94 -8.96 14.76 5.07
CA GLU A 94 -8.25 13.83 5.99
C GLU A 94 -9.23 12.80 6.55
N THR A 95 -10.44 13.22 6.89
CA THR A 95 -11.47 12.35 7.48
C THR A 95 -11.89 11.33 6.42
N GLU A 96 -12.06 11.74 5.17
CA GLU A 96 -12.45 10.78 4.11
C GLU A 96 -11.32 9.78 3.85
N LEU A 97 -10.08 10.25 3.83
CA LEU A 97 -8.87 9.38 3.67
C LEU A 97 -8.86 8.34 4.80
N GLN A 98 -9.04 8.77 6.05
CA GLN A 98 -9.02 7.84 7.20
C GLN A 98 -10.14 6.81 7.06
N GLY A 99 -11.30 7.22 6.57
CA GLY A 99 -12.41 6.28 6.35
C GLY A 99 -12.06 5.23 5.32
N VAL A 100 -11.42 5.58 4.22
CA VAL A 100 -11.03 4.60 3.17
C VAL A 100 -9.98 3.65 3.79
N CYS A 101 -9.00 4.17 4.53
CA CYS A 101 -7.99 3.34 5.23
C CYS A 101 -8.71 2.39 6.19
N ASP A 102 -9.68 2.88 6.97
CA ASP A 102 -10.44 2.05 7.94
C ASP A 102 -11.22 0.98 7.18
N THR A 103 -11.77 1.28 6.03
CA THR A 103 -12.54 0.29 5.25
C THR A 103 -11.60 -0.84 4.79
N VAL A 104 -10.41 -0.51 4.27
CA VAL A 104 -9.44 -1.54 3.76
C VAL A 104 -9.01 -2.43 4.92
N LEU A 105 -8.55 -1.83 6.04
CA LEU A 105 -8.08 -2.54 7.26
C LEU A 105 -9.20 -3.42 7.82
N GLY A 106 -10.43 -2.95 7.69
CA GLY A 106 -11.64 -3.72 8.05
C GLY A 106 -11.79 -4.96 7.21
N LEU A 107 -11.55 -4.86 5.90
CA LEU A 107 -11.69 -6.04 5.02
C LEU A 107 -10.54 -7.00 5.33
N LEU A 108 -9.33 -6.47 5.54
CA LEU A 108 -8.16 -7.35 5.83
C LEU A 108 -8.43 -8.11 7.13
N ASP A 109 -9.05 -7.47 8.11
CA ASP A 109 -9.31 -8.08 9.44
C ASP A 109 -10.56 -8.98 9.43
N SER A 110 -11.45 -8.80 8.46
CA SER A 110 -12.78 -9.48 8.37
C SER A 110 -13.06 -9.92 6.95
N HIS A 111 -12.46 -11.02 6.46
CA HIS A 111 -11.60 -11.94 7.19
C HIS A 111 -10.47 -12.40 6.26
N LEU A 112 -9.93 -11.49 5.43
CA LEU A 112 -8.94 -11.85 4.38
C LEU A 112 -7.66 -12.45 5.02
N ILE A 113 -7.07 -11.76 6.00
CA ILE A 113 -5.78 -12.23 6.60
C ILE A 113 -5.96 -13.60 7.29
N LYS A 114 -6.92 -13.76 8.20
CA LYS A 114 -7.02 -15.05 8.95
C LYS A 114 -7.27 -16.24 7.99
N GLU A 115 -7.88 -16.06 6.82
CA GLU A 115 -8.09 -17.20 5.88
C GLU A 115 -6.95 -17.36 4.86
N ALA A 116 -6.00 -16.40 4.77
CA ALA A 116 -4.84 -16.46 3.85
C ALA A 116 -3.77 -17.41 4.40
N GLY A 117 -3.69 -18.64 3.91
CA GLY A 117 -2.72 -19.67 4.35
C GLY A 117 -1.49 -19.75 3.46
N ASP A 118 -1.59 -19.42 2.17
CA ASP A 118 -0.42 -19.45 1.25
C ASP A 118 0.39 -18.20 1.47
N ALA A 119 1.70 -18.36 1.39
CA ALA A 119 2.67 -17.27 1.59
C ALA A 119 2.33 -16.10 0.68
N GLU A 120 2.02 -16.30 -0.61
CA GLU A 120 1.76 -15.19 -1.57
C GLU A 120 0.51 -14.40 -1.14
N SER A 121 -0.56 -15.07 -0.71
CA SER A 121 -1.78 -14.37 -0.26
C SER A 121 -1.51 -13.67 1.08
N ARG A 122 -0.88 -14.35 2.05
CA ARG A 122 -0.71 -13.81 3.42
C ARG A 122 0.21 -12.60 3.39
N VAL A 123 1.30 -12.69 2.64
CA VAL A 123 2.28 -11.59 2.55
C VAL A 123 1.58 -10.41 1.87
N PHE A 124 0.83 -10.68 0.81
CA PHE A 124 0.16 -9.62 0.04
C PHE A 124 -0.73 -8.82 1.00
N TYR A 125 -1.51 -9.50 1.85
CA TYR A 125 -2.51 -8.85 2.73
C TYR A 125 -1.82 -8.13 3.88
N LEU A 126 -0.79 -8.74 4.46
CA LEU A 126 0.01 -8.07 5.50
C LEU A 126 0.71 -6.82 4.94
N LYS A 127 1.26 -6.87 3.74
CA LYS A 127 1.86 -5.69 3.09
C LYS A 127 0.76 -4.59 3.01
N MET A 128 -0.43 -4.95 2.52
CA MET A 128 -1.55 -3.99 2.39
C MET A 128 -1.83 -3.37 3.76
N LYS A 129 -1.91 -4.22 4.80
CA LYS A 129 -2.20 -3.76 6.18
C LYS A 129 -1.14 -2.73 6.60
N GLY A 130 0.14 -3.03 6.37
CA GLY A 130 1.22 -2.04 6.63
C GLY A 130 1.00 -0.76 5.84
N ASP A 131 0.69 -0.89 4.57
CA ASP A 131 0.48 0.28 3.65
C ASP A 131 -0.64 1.18 4.20
N TYR A 132 -1.78 0.61 4.59
CA TYR A 132 -2.94 1.46 4.96
C TYR A 132 -2.67 2.04 6.35
N TYR A 133 -1.99 1.34 7.26
CA TYR A 133 -1.56 2.01 8.53
C TYR A 133 -0.52 3.08 8.20
N ARG A 134 0.33 2.87 7.19
CA ARG A 134 1.30 3.93 6.82
C ARG A 134 0.54 5.17 6.34
N TYR A 135 -0.51 5.02 5.54
CA TYR A 135 -1.27 6.20 5.04
C TYR A 135 -1.94 6.92 6.21
N LEU A 136 -2.47 6.17 7.17
CA LEU A 136 -3.00 6.78 8.39
C LEU A 136 -1.87 7.53 9.11
N ALA A 137 -0.69 6.92 9.23
CA ALA A 137 0.45 7.54 9.95
C ALA A 137 0.81 8.86 9.28
N GLU A 138 0.73 8.95 7.95
CA GLU A 138 1.12 10.16 7.20
C GLU A 138 0.29 11.38 7.67
N VAL A 139 -0.96 11.20 8.10
CA VAL A 139 -1.83 12.33 8.52
C VAL A 139 -2.02 12.34 10.05
N ALA A 140 -1.46 11.40 10.79
CA ALA A 140 -1.68 11.27 12.26
C ALA A 140 -0.89 12.36 13.00
N THR A 141 -1.47 12.94 14.05
CA THR A 141 -0.86 14.07 14.81
C THR A 141 -1.14 14.02 16.31
N GLY A 142 -2.11 13.23 16.76
CA GLY A 142 -2.57 13.19 18.17
C GLY A 142 -1.97 12.03 18.95
N ASP A 143 -2.74 11.54 19.93
CA ASP A 143 -2.32 10.53 20.95
C ASP A 143 -2.07 9.17 20.28
N ASP A 144 -2.62 8.96 19.08
CA ASP A 144 -2.76 7.63 18.42
C ASP A 144 -1.57 7.40 17.48
N LYS A 145 -0.80 8.43 17.15
CA LYS A 145 0.22 8.39 16.08
C LYS A 145 1.23 7.26 16.37
N LYS A 146 1.73 7.16 17.59
CA LYS A 146 2.78 6.15 17.93
C LYS A 146 2.19 4.77 17.69
N ARG A 147 0.93 4.56 18.05
CA ARG A 147 0.29 3.23 17.96
C ARG A 147 0.01 2.90 16.47
N ILE A 148 -0.31 3.90 15.66
CA ILE A 148 -0.54 3.74 14.20
C ILE A 148 0.77 3.27 13.55
N ILE A 149 1.87 3.98 13.83
CA ILE A 149 3.24 3.68 13.30
C ILE A 149 3.60 2.24 13.73
N ASP A 150 3.34 1.87 14.97
CA ASP A 150 3.71 0.52 15.44
C ASP A 150 2.84 -0.53 14.74
N SER A 151 1.57 -0.23 14.48
CA SER A 151 0.67 -1.15 13.73
C SER A 151 1.22 -1.39 12.30
N ALA A 152 1.64 -0.34 11.60
CA ALA A 152 2.33 -0.45 10.29
C ALA A 152 3.56 -1.35 10.40
N ARG A 153 4.47 -1.02 11.32
N ARG A 153 4.47 -1.02 11.32
CA ARG A 153 5.77 -1.71 11.53
CA ARG A 153 5.77 -1.73 11.52
C ARG A 153 5.49 -3.21 11.76
C ARG A 153 5.49 -3.22 11.75
N SER A 154 4.57 -3.51 12.66
CA SER A 154 4.21 -4.91 13.04
C SER A 154 3.67 -5.68 11.83
N ALA A 155 2.77 -5.10 11.02
CA ALA A 155 2.21 -5.77 9.83
C ALA A 155 3.35 -6.04 8.82
N TYR A 156 4.15 -5.02 8.52
CA TYR A 156 5.29 -5.10 7.57
C TYR A 156 6.30 -6.17 8.03
N GLN A 157 6.62 -6.20 9.33
CA GLN A 157 7.60 -7.14 9.92
C GLN A 157 7.11 -8.58 9.80
N GLU A 158 5.85 -8.83 10.10
CA GLU A 158 5.25 -10.18 9.93
C GLU A 158 5.30 -10.58 8.44
N ALA A 159 4.95 -9.65 7.54
CA ALA A 159 5.03 -9.91 6.08
C ALA A 159 6.48 -10.24 5.68
N MET A 160 7.45 -9.46 6.15
CA MET A 160 8.89 -9.66 5.83
C MET A 160 9.34 -11.03 6.36
N ASP A 161 8.96 -11.42 7.58
CA ASP A 161 9.43 -12.72 8.15
C ASP A 161 8.92 -13.85 7.25
N ILE A 162 7.67 -13.79 6.80
CA ILE A 162 7.10 -14.87 5.95
C ILE A 162 7.77 -14.82 4.58
N SER A 163 7.90 -13.64 3.97
CA SER A 163 8.47 -13.54 2.61
C SER A 163 9.89 -14.09 2.63
N LYS A 164 10.67 -13.84 3.68
CA LYS A 164 12.08 -14.29 3.73
C LYS A 164 12.11 -15.82 3.88
N LYS A 165 11.18 -16.45 4.59
CA LYS A 165 11.16 -17.93 4.74
C LYS A 165 10.61 -18.60 3.47
N GLU A 166 9.66 -17.97 2.75
CA GLU A 166 8.76 -18.71 1.82
C GLU A 166 8.89 -18.28 0.35
N MET A 167 9.53 -17.15 0.04
N MET A 167 9.56 -17.16 0.04
CA MET A 167 9.55 -16.59 -1.34
CA MET A 167 9.55 -16.63 -1.35
C MET A 167 10.99 -16.35 -1.75
C MET A 167 10.98 -16.32 -1.75
N PRO A 168 11.32 -16.47 -3.05
CA PRO A 168 12.65 -16.12 -3.53
C PRO A 168 12.80 -14.61 -3.49
N PRO A 169 14.04 -14.10 -3.44
CA PRO A 169 14.30 -12.67 -3.29
C PRO A 169 13.79 -11.78 -4.43
N THR A 170 13.47 -12.37 -5.59
CA THR A 170 12.94 -11.65 -6.77
C THR A 170 11.42 -11.68 -6.84
N ASN A 171 10.75 -12.38 -5.91
CA ASN A 171 9.27 -12.43 -5.90
C ASN A 171 8.72 -10.99 -5.90
N PRO A 172 7.90 -10.56 -6.88
CA PRO A 172 7.41 -9.17 -6.93
C PRO A 172 6.68 -8.69 -5.66
N ILE A 173 5.99 -9.58 -4.95
CA ILE A 173 5.29 -9.21 -3.69
C ILE A 173 6.34 -8.93 -2.61
N ARG A 174 7.31 -9.83 -2.47
CA ARG A 174 8.45 -9.67 -1.54
C ARG A 174 9.18 -8.36 -1.85
N LEU A 175 9.43 -8.05 -3.12
CA LEU A 175 10.19 -6.84 -3.55
C LEU A 175 9.33 -5.61 -3.26
N GLY A 176 8.04 -5.70 -3.57
CA GLY A 176 7.11 -4.58 -3.33
C GLY A 176 6.95 -4.31 -1.84
N LEU A 177 6.88 -5.36 -1.04
CA LEU A 177 6.84 -5.26 0.44
C LEU A 177 8.10 -4.53 0.91
N ALA A 178 9.28 -5.00 0.49
CA ALA A 178 10.56 -4.46 0.98
C ALA A 178 10.65 -2.98 0.57
N LEU A 179 10.32 -2.64 -0.67
CA LEU A 179 10.27 -1.23 -1.13
C LEU A 179 9.42 -0.41 -0.15
N ASN A 180 8.22 -0.89 0.18
CA ASN A 180 7.22 -0.10 0.97
C ASN A 180 7.68 0.03 2.43
N PHE A 181 8.26 -1.03 2.99
CA PHE A 181 8.79 -1.03 4.37
C PHE A 181 9.95 -0.05 4.46
N SER A 182 10.76 0.02 3.40
CA SER A 182 11.92 0.97 3.38
C SER A 182 11.36 2.39 3.35
N VAL A 183 10.31 2.65 2.56
CA VAL A 183 9.66 4.02 2.56
C VAL A 183 9.08 4.29 3.96
N PHE A 184 8.50 3.29 4.60
CA PHE A 184 8.01 3.44 5.98
C PHE A 184 9.16 3.94 6.86
N HIS A 185 10.31 3.28 6.80
CA HIS A 185 11.47 3.58 7.68
C HIS A 185 11.88 5.04 7.43
N TYR A 186 11.95 5.45 6.17
CA TYR A 186 12.51 6.76 5.75
C TYR A 186 11.53 7.90 6.10
N GLU A 187 10.27 7.70 5.77
CA GLU A 187 9.25 8.80 5.72
C GLU A 187 8.48 8.85 7.04
N ILE A 188 8.29 7.74 7.73
CA ILE A 188 7.37 7.62 8.90
C ILE A 188 8.16 7.38 10.18
N ALA A 189 9.07 6.41 10.18
CA ALA A 189 9.78 5.98 11.41
C ALA A 189 10.99 6.85 11.66
N ASN A 190 11.31 7.82 10.80
CA ASN A 190 12.51 8.70 11.01
C ASN A 190 13.77 7.82 11.10
N SER A 191 13.86 6.78 10.27
CA SER A 191 15.00 5.83 10.31
C SER A 191 15.63 5.75 8.93
N PRO A 192 16.22 6.86 8.40
CA PRO A 192 16.71 6.82 7.02
C PRO A 192 17.78 5.73 6.80
N GLU A 193 18.61 5.45 7.80
CA GLU A 193 19.67 4.42 7.67
C GLU A 193 19.03 3.05 7.52
N GLU A 194 18.03 2.71 8.33
CA GLU A 194 17.27 1.43 8.16
C GLU A 194 16.67 1.39 6.74
N ALA A 195 16.09 2.51 6.26
CA ALA A 195 15.50 2.59 4.91
C ALA A 195 16.53 2.19 3.84
N ILE A 196 17.71 2.79 3.90
CA ILE A 196 18.83 2.67 2.92
C ILE A 196 19.39 1.24 3.03
N SER A 197 19.57 0.68 4.22
CA SER A 197 20.09 -0.69 4.41
CA SER A 197 20.08 -0.69 4.41
C SER A 197 19.08 -1.71 3.85
N LEU A 198 17.79 -1.52 4.12
CA LEU A 198 16.79 -2.49 3.60
C LEU A 198 16.76 -2.40 2.06
N ALA A 199 16.76 -1.21 1.48
CA ALA A 199 16.64 -1.07 0.01
C ALA A 199 17.87 -1.70 -0.68
N LYS A 200 19.06 -1.51 -0.11
CA LYS A 200 20.34 -2.03 -0.66
C LYS A 200 20.34 -3.55 -0.59
N THR A 201 20.13 -4.11 0.59
CA THR A 201 20.11 -5.57 0.81
C THR A 201 19.05 -6.19 -0.11
N THR A 202 17.84 -5.60 -0.18
CA THR A 202 16.75 -6.11 -1.05
C THR A 202 17.22 -6.09 -2.51
N PHE A 203 17.80 -5.00 -2.98
CA PHE A 203 18.25 -4.89 -4.39
C PHE A 203 19.31 -5.99 -4.71
N ASP A 204 20.30 -6.12 -3.84
CA ASP A 204 21.51 -6.96 -4.06
C ASP A 204 21.07 -8.42 -4.08
N GLU A 205 20.22 -8.85 -3.14
CA GLU A 205 19.73 -10.24 -3.06
C GLU A 205 18.88 -10.57 -4.28
N ALA A 206 18.08 -9.63 -4.79
CA ALA A 206 17.27 -9.85 -6.00
C ALA A 206 18.22 -9.97 -7.21
N MET A 207 19.19 -9.07 -7.33
CA MET A 207 20.18 -9.09 -8.44
C MET A 207 20.76 -10.51 -8.55
N ALA A 208 21.18 -11.10 -7.43
CA ALA A 208 21.88 -12.38 -7.40
C ALA A 208 20.92 -13.52 -7.75
N ASP A 209 19.61 -13.29 -7.82
CA ASP A 209 18.60 -14.34 -8.11
C ASP A 209 17.96 -14.13 -9.50
N LEU A 210 18.34 -13.09 -10.24
CA LEU A 210 17.72 -12.81 -11.56
C LEU A 210 17.99 -13.96 -12.55
N HIS A 211 19.08 -14.71 -12.37
CA HIS A 211 19.56 -15.72 -13.36
C HIS A 211 18.55 -16.87 -13.41
N THR A 212 17.75 -17.03 -12.36
CA THR A 212 16.80 -18.16 -12.23
C THR A 212 15.52 -17.87 -13.02
N LEU A 213 15.29 -16.63 -13.48
CA LEU A 213 13.99 -16.17 -14.02
C LEU A 213 13.87 -16.26 -15.55
N SER A 214 12.65 -16.47 -16.02
CA SER A 214 12.16 -16.30 -17.41
C SER A 214 12.22 -14.82 -17.75
N GLU A 215 12.18 -14.48 -19.04
CA GLU A 215 12.25 -13.05 -19.48
C GLU A 215 11.07 -12.27 -18.86
N ASP A 216 9.89 -12.89 -18.73
CA ASP A 216 8.67 -12.24 -18.15
C ASP A 216 8.81 -12.00 -16.63
N SER A 217 9.22 -12.99 -15.84
CA SER A 217 9.50 -12.79 -14.39
C SER A 217 10.63 -11.75 -14.22
N TYR A 218 11.68 -11.83 -15.02
CA TYR A 218 12.83 -10.88 -15.01
C TYR A 218 12.29 -9.46 -15.12
N LYS A 219 11.37 -9.22 -16.06
CA LYS A 219 10.81 -7.88 -16.33
C LYS A 219 9.98 -7.40 -15.12
N ASP A 220 9.18 -8.27 -14.48
CA ASP A 220 8.42 -7.90 -13.25
C ASP A 220 9.37 -7.55 -12.12
N SER A 221 10.40 -8.35 -11.86
CA SER A 221 11.36 -8.11 -10.74
C SER A 221 12.11 -6.82 -10.98
N THR A 222 12.70 -6.65 -12.17
CA THR A 222 13.60 -5.50 -12.45
C THR A 222 12.80 -4.18 -12.43
N LEU A 223 11.52 -4.21 -12.76
CA LEU A 223 10.69 -2.97 -12.66
C LEU A 223 10.69 -2.47 -11.21
N ILE A 224 10.55 -3.36 -10.25
CA ILE A 224 10.43 -2.97 -8.81
C ILE A 224 11.83 -2.68 -8.27
N MET A 225 12.83 -3.42 -8.74
CA MET A 225 14.24 -3.16 -8.32
C MET A 225 14.66 -1.77 -8.77
N GLN A 226 14.17 -1.30 -9.92
CA GLN A 226 14.45 0.09 -10.39
C GLN A 226 13.89 1.10 -9.38
N LEU A 227 12.77 0.83 -8.71
CA LEU A 227 12.17 1.78 -7.74
C LEU A 227 13.04 1.78 -6.47
N LEU A 228 13.62 0.63 -6.08
CA LEU A 228 14.59 0.58 -4.95
C LEU A 228 15.77 1.48 -5.31
N ARG A 229 16.27 1.36 -6.54
CA ARG A 229 17.43 2.15 -7.04
C ARG A 229 17.06 3.64 -7.08
N ASP A 230 15.89 4.02 -7.58
CA ASP A 230 15.49 5.45 -7.65
C ASP A 230 15.49 6.02 -6.23
N ASN A 231 14.93 5.28 -5.26
CA ASN A 231 14.87 5.73 -3.85
C ASN A 231 16.30 5.88 -3.32
N LEU A 232 17.17 4.88 -3.49
CA LEU A 232 18.57 4.95 -2.99
C LEU A 232 19.31 6.16 -3.58
N THR A 233 19.13 6.47 -4.87
CA THR A 233 19.70 7.66 -5.58
C THR A 233 19.19 8.96 -4.93
N LEU A 234 17.89 9.02 -4.62
CA LEU A 234 17.24 10.15 -3.91
C LEU A 234 17.79 10.25 -2.48
N TRP A 235 18.07 9.12 -1.81
CA TRP A 235 18.33 9.14 -0.34
C TRP A 235 19.82 9.28 -0.02
N THR A 236 20.71 9.11 -1.01
CA THR A 236 22.18 9.04 -0.79
C THR A 236 22.87 10.08 -1.67
N ARG B 3 12.73 14.47 -6.68
CA ARG B 3 11.59 13.53 -6.88
C ARG B 3 10.85 13.36 -5.54
N ARG B 4 9.77 12.55 -5.52
CA ARG B 4 9.12 12.03 -4.28
C ARG B 4 9.60 10.57 -4.07
N ASN B 5 9.44 10.04 -2.86
CA ASN B 5 9.69 8.60 -2.55
C ASN B 5 8.77 7.71 -3.42
N ALA B 6 9.32 6.71 -4.12
CA ALA B 6 8.54 5.73 -4.87
C ALA B 6 8.10 4.60 -3.93
N SER B 8 5.47 0.91 -4.16
CA SER B 8 5.08 -0.16 -5.10
C SER B 8 3.76 0.21 -5.79
N ALA B 9 3.62 -0.20 -7.05
CA ALA B 9 2.36 -0.14 -7.82
C ALA B 9 1.31 -0.93 -7.06
N GLY B 10 0.02 -0.73 -7.37
CA GLY B 10 -1.07 -1.55 -6.81
C GLY B 10 -0.97 -3.01 -7.24
N ARG B 11 -0.65 -3.23 -8.51
CA ARG B 11 -0.48 -4.56 -9.11
C ARG B 11 1.02 -4.89 -9.13
N LEU B 12 1.42 -6.06 -8.65
CA LEU B 12 2.89 -6.37 -8.54
C LEU B 12 3.33 -7.35 -9.65
N GLN B 13 2.43 -8.22 -10.11
CA GLN B 13 2.73 -9.19 -11.20
C GLN B 13 1.53 -9.28 -12.16
#